data_1V98
#
_entry.id   1V98
#
_cell.length_a   40.910
_cell.length_b   95.441
_cell.length_c   56.683
_cell.angle_alpha   90.00
_cell.angle_beta   91.41
_cell.angle_gamma   90.00
#
_symmetry.space_group_name_H-M   'C 1 2 1'
#
loop_
_entity.id
_entity.type
_entity.pdbx_description
1 polymer thioredoxin
2 non-polymer 'MAGNESIUM ION'
3 non-polymer 'SULFATE ION'
4 water water
#
_entity_poly.entity_id   1
_entity_poly.type   'polypeptide(L)'
_entity_poly.pdbx_seq_one_letter_code
;MVVTCPKCGAKNRLGTPPPGQVPVCGACKTPLPWVVEADEKGFAQEVAGAPLTLVDFFAPWCGPCRLVSPILEELARDHA
GRLKVVKVNVDEHPGLAARYGVRSVPTLVLFRRGAPVATWVGASPRRVLEERLRPYLEGR
;
_entity_poly.pdbx_strand_id   A,B
#
# COMPACT_ATOMS: atom_id res chain seq x y z
N GLY A 49 12.96 -7.41 -29.58
CA GLY A 49 13.29 -6.55 -28.39
C GLY A 49 13.35 -7.38 -27.13
N ALA A 50 14.21 -6.99 -26.19
CA ALA A 50 14.29 -7.76 -24.95
C ALA A 50 12.99 -7.56 -24.19
N PRO A 51 12.46 -8.61 -23.55
CA PRO A 51 11.21 -8.45 -22.80
C PRO A 51 11.36 -7.46 -21.64
N LEU A 52 10.30 -6.72 -21.36
CA LEU A 52 10.33 -5.75 -20.28
C LEU A 52 9.26 -6.13 -19.26
N THR A 53 9.56 -5.96 -17.99
CA THR A 53 8.59 -6.24 -16.95
C THR A 53 8.56 -5.02 -16.02
N LEU A 54 7.38 -4.44 -15.87
CA LEU A 54 7.20 -3.30 -14.99
C LEU A 54 6.61 -3.83 -13.69
N VAL A 55 7.29 -3.58 -12.57
CA VAL A 55 6.80 -4.06 -11.29
C VAL A 55 6.22 -2.87 -10.53
N ASP A 56 4.97 -3.02 -10.13
CA ASP A 56 4.24 -1.99 -9.41
C ASP A 56 4.20 -2.34 -7.93
N PHE A 57 5.07 -1.68 -7.16
CA PHE A 57 5.13 -1.88 -5.72
C PHE A 57 4.06 -0.94 -5.14
N PHE A 58 3.07 -1.53 -4.48
CA PHE A 58 1.94 -0.79 -3.92
C PHE A 58 1.57 -1.28 -2.53
N ALA A 59 0.62 -0.59 -1.88
CA ALA A 59 0.13 -1.07 -0.59
C ALA A 59 -1.38 -0.85 -0.64
N PRO A 60 -2.15 -1.73 0.02
CA PRO A 60 -3.61 -1.58 0.01
C PRO A 60 -4.13 -0.31 0.65
N TRP A 61 -3.31 0.33 1.47
CA TRP A 61 -3.71 1.54 2.16
C TRP A 61 -3.22 2.80 1.46
N CYS A 62 -2.77 2.65 0.22
CA CYS A 62 -2.24 3.76 -0.54
C CYS A 62 -3.23 4.33 -1.57
N GLY A 63 -3.59 5.61 -1.41
CA GLY A 63 -4.55 6.22 -2.34
C GLY A 63 -4.06 6.35 -3.77
N PRO A 64 -2.92 7.01 -3.97
CA PRO A 64 -2.36 7.20 -5.31
C PRO A 64 -2.18 5.86 -6.03
N CYS A 65 -1.85 4.80 -5.30
CA CYS A 65 -1.67 3.50 -5.94
C CYS A 65 -2.96 3.08 -6.64
N ARG A 66 -4.10 3.50 -6.09
CA ARG A 66 -5.38 3.15 -6.67
C ARG A 66 -5.53 3.76 -8.06
N LEU A 67 -4.96 4.94 -8.24
CA LEU A 67 -4.99 5.66 -9.52
C LEU A 67 -4.13 4.95 -10.54
N VAL A 68 -2.89 4.74 -10.15
CA VAL A 68 -1.89 4.13 -10.99
C VAL A 68 -2.11 2.71 -11.45
N SER A 69 -2.55 1.84 -10.56
CA SER A 69 -2.69 0.45 -10.96
C SER A 69 -3.52 0.18 -12.23
N PRO A 70 -4.72 0.78 -12.39
CA PRO A 70 -5.49 0.53 -13.61
C PRO A 70 -4.82 1.15 -14.85
N ILE A 71 -4.06 2.23 -14.65
CA ILE A 71 -3.37 2.84 -15.76
C ILE A 71 -2.29 1.86 -16.23
N LEU A 72 -1.57 1.25 -15.29
CA LEU A 72 -0.54 0.29 -15.62
C LEU A 72 -1.09 -0.94 -16.35
N GLU A 73 -2.25 -1.42 -15.91
CA GLU A 73 -2.85 -2.59 -16.54
C GLU A 73 -3.33 -2.25 -17.94
N GLU A 74 -3.77 -1.02 -18.15
CA GLU A 74 -4.20 -0.60 -19.47
C GLU A 74 -2.96 -0.58 -20.37
N LEU A 75 -1.85 -0.07 -19.84
CA LEU A 75 -0.59 -0.01 -20.57
C LEU A 75 -0.10 -1.38 -21.02
N ALA A 76 -0.21 -2.36 -20.14
CA ALA A 76 0.25 -3.72 -20.40
C ALA A 76 -0.58 -4.36 -21.50
N ARG A 77 -1.86 -4.05 -21.45
CA ARG A 77 -2.83 -4.55 -22.39
C ARG A 77 -2.54 -3.91 -23.76
N ASP A 78 -2.23 -2.63 -23.72
CA ASP A 78 -1.95 -1.86 -24.93
C ASP A 78 -0.56 -2.12 -25.54
N HIS A 79 0.34 -2.78 -24.82
CA HIS A 79 1.68 -3.07 -25.33
C HIS A 79 2.02 -4.50 -24.94
N ALA A 80 0.99 -5.34 -24.95
CA ALA A 80 1.09 -6.74 -24.58
C ALA A 80 2.27 -7.53 -25.15
N GLY A 81 2.68 -7.23 -26.38
CA GLY A 81 3.79 -7.96 -26.95
C GLY A 81 5.13 -7.68 -26.31
N ARG A 82 5.34 -6.45 -25.85
CA ARG A 82 6.61 -6.04 -25.27
C ARG A 82 6.66 -5.86 -23.77
N LEU A 83 5.51 -5.60 -23.16
CA LEU A 83 5.47 -5.31 -21.73
C LEU A 83 4.56 -6.11 -20.81
N LYS A 84 5.14 -6.64 -19.73
CA LYS A 84 4.42 -7.41 -18.72
C LYS A 84 4.39 -6.53 -17.45
N VAL A 85 3.25 -6.45 -16.76
CA VAL A 85 3.16 -5.68 -15.54
C VAL A 85 2.84 -6.64 -14.39
N VAL A 86 3.57 -6.52 -13.28
CA VAL A 86 3.33 -7.38 -12.11
C VAL A 86 3.17 -6.48 -10.89
N LYS A 87 2.14 -6.74 -10.09
CA LYS A 87 1.92 -5.95 -8.88
C LYS A 87 2.48 -6.67 -7.67
N VAL A 88 3.23 -5.95 -6.84
CA VAL A 88 3.80 -6.53 -5.63
C VAL A 88 3.31 -5.71 -4.45
N ASN A 89 2.57 -6.36 -3.57
CA ASN A 89 2.03 -5.73 -2.37
C ASN A 89 3.21 -5.66 -1.40
N VAL A 90 3.70 -4.45 -1.09
CA VAL A 90 4.85 -4.35 -0.20
C VAL A 90 4.61 -4.85 1.23
N ASP A 91 3.37 -4.97 1.68
CA ASP A 91 3.10 -5.48 3.02
C ASP A 91 3.08 -7.01 2.98
N GLU A 92 2.87 -7.56 1.79
CA GLU A 92 2.85 -9.01 1.62
C GLU A 92 4.27 -9.52 1.43
N HIS A 93 5.10 -8.72 0.77
CA HIS A 93 6.49 -9.08 0.49
C HIS A 93 7.49 -7.97 0.84
N PRO A 94 7.66 -7.66 2.14
CA PRO A 94 8.60 -6.60 2.54
C PRO A 94 10.06 -6.85 2.19
N GLY A 95 10.47 -8.11 2.15
CA GLY A 95 11.84 -8.42 1.81
C GLY A 95 12.14 -8.06 0.37
N LEU A 96 11.17 -8.34 -0.50
CA LEU A 96 11.29 -8.03 -1.91
C LEU A 96 11.35 -6.51 -2.06
N ALA A 97 10.44 -5.80 -1.40
CA ALA A 97 10.42 -4.35 -1.47
C ALA A 97 11.77 -3.79 -1.04
N ALA A 98 12.33 -4.34 0.04
CA ALA A 98 13.63 -3.88 0.53
C ALA A 98 14.75 -4.21 -0.47
N ARG A 99 14.72 -5.41 -1.05
CA ARG A 99 15.73 -5.81 -2.03
C ARG A 99 15.86 -4.78 -3.15
N TYR A 100 14.75 -4.20 -3.56
CA TYR A 100 14.77 -3.22 -4.63
C TYR A 100 14.64 -1.77 -4.19
N GLY A 101 14.98 -1.52 -2.92
CA GLY A 101 14.97 -0.18 -2.36
C GLY A 101 13.68 0.60 -2.33
N VAL A 102 12.56 -0.10 -2.27
CA VAL A 102 11.27 0.58 -2.24
C VAL A 102 11.04 1.14 -0.82
N ARG A 103 10.97 2.46 -0.71
CA ARG A 103 10.73 3.11 0.57
C ARG A 103 9.41 3.87 0.63
N SER A 104 8.69 3.91 -0.48
CA SER A 104 7.37 4.54 -0.49
C SER A 104 6.58 3.98 -1.65
N VAL A 105 5.27 4.13 -1.61
CA VAL A 105 4.44 3.62 -2.68
C VAL A 105 3.56 4.71 -3.29
N PRO A 106 3.26 4.60 -4.59
CA PRO A 106 3.70 3.53 -5.47
C PRO A 106 5.10 3.75 -6.00
N THR A 107 5.84 2.68 -6.23
CA THR A 107 7.17 2.78 -6.83
C THR A 107 7.09 1.79 -7.98
N LEU A 108 7.46 2.28 -9.17
CA LEU A 108 7.43 1.46 -10.38
C LEU A 108 8.88 1.17 -10.77
N VAL A 109 9.18 -0.12 -10.96
CA VAL A 109 10.51 -0.53 -11.33
C VAL A 109 10.45 -1.32 -12.64
N LEU A 110 11.21 -0.85 -13.64
CA LEU A 110 11.27 -1.49 -14.96
C LEU A 110 12.48 -2.43 -15.02
N PHE A 111 12.21 -3.69 -15.36
CA PHE A 111 13.26 -4.71 -15.48
C PHE A 111 13.54 -5.08 -16.92
N ARG A 112 14.81 -5.21 -17.26
CA ARG A 112 15.22 -5.63 -18.58
C ARG A 112 16.34 -6.61 -18.26
N ARG A 113 16.30 -7.77 -18.92
CA ARG A 113 17.28 -8.82 -18.70
C ARG A 113 17.36 -9.17 -17.22
N GLY A 114 16.20 -9.19 -16.55
CA GLY A 114 16.15 -9.55 -15.15
C GLY A 114 16.69 -8.61 -14.09
N ALA A 115 17.00 -7.39 -14.48
CA ALA A 115 17.55 -6.41 -13.53
C ALA A 115 16.88 -5.05 -13.76
N PRO A 116 16.74 -4.24 -12.70
CA PRO A 116 16.11 -2.93 -12.88
C PRO A 116 16.94 -2.03 -13.78
N VAL A 117 16.28 -1.29 -14.68
CA VAL A 117 17.00 -0.33 -15.50
C VAL A 117 16.48 1.06 -15.15
N ALA A 118 15.27 1.14 -14.62
CA ALA A 118 14.70 2.43 -14.24
C ALA A 118 13.72 2.26 -13.09
N THR A 119 13.63 3.27 -12.22
CA THR A 119 12.70 3.24 -11.10
C THR A 119 12.09 4.64 -10.97
N TRP A 120 10.76 4.72 -10.94
CA TRP A 120 10.09 6.02 -10.80
C TRP A 120 9.26 5.96 -9.52
N VAL A 121 9.41 6.98 -8.68
CA VAL A 121 8.71 7.02 -7.41
C VAL A 121 7.50 7.95 -7.45
N GLY A 122 6.36 7.44 -6.99
CA GLY A 122 5.15 8.27 -6.95
C GLY A 122 4.19 8.06 -8.12
N ALA A 123 2.96 8.53 -7.95
CA ALA A 123 1.97 8.39 -9.02
C ALA A 123 2.16 9.46 -10.09
N SER A 124 1.84 9.12 -11.33
CA SER A 124 1.95 10.10 -12.42
C SER A 124 0.82 9.84 -13.41
N PRO A 125 0.40 10.88 -14.15
CA PRO A 125 -0.68 10.68 -15.11
C PRO A 125 -0.30 9.66 -16.18
N ARG A 126 -1.30 9.13 -16.87
CA ARG A 126 -1.10 8.16 -17.95
C ARG A 126 -0.09 8.63 -19.00
N ARG A 127 -0.26 9.87 -19.44
CA ARG A 127 0.60 10.46 -20.47
C ARG A 127 2.06 10.47 -20.05
N VAL A 128 2.32 10.81 -18.80
CA VAL A 128 3.67 10.84 -18.28
C VAL A 128 4.28 9.43 -18.25
N LEU A 129 3.52 8.43 -17.81
CA LEU A 129 4.01 7.05 -17.75
C LEU A 129 4.29 6.50 -19.16
N GLU A 130 3.38 6.79 -20.09
CA GLU A 130 3.54 6.35 -21.48
C GLU A 130 4.86 6.87 -22.00
N GLU A 131 5.09 8.16 -21.83
CA GLU A 131 6.30 8.75 -22.32
C GLU A 131 7.56 8.21 -21.62
N ARG A 132 7.48 7.85 -20.35
CA ARG A 132 8.69 7.30 -19.71
C ARG A 132 9.01 5.92 -20.30
N LEU A 133 7.97 5.13 -20.57
CA LEU A 133 8.18 3.78 -21.10
C LEU A 133 8.52 3.70 -22.58
N ARG A 134 7.99 4.63 -23.39
CA ARG A 134 8.21 4.65 -24.83
C ARG A 134 9.64 4.37 -25.31
N PRO A 135 10.67 5.07 -24.79
CA PRO A 135 12.02 4.79 -25.27
C PRO A 135 12.46 3.33 -25.05
N TYR A 136 12.04 2.73 -23.94
CA TYR A 136 12.39 1.33 -23.66
C TYR A 136 11.61 0.41 -24.59
N LEU A 137 10.35 0.74 -24.83
CA LEU A 137 9.50 -0.06 -25.72
C LEU A 137 10.00 0.02 -27.16
N GLU A 138 10.62 1.14 -27.51
CA GLU A 138 11.14 1.35 -28.86
C GLU A 138 12.61 0.97 -28.97
N GLY A 139 13.22 0.60 -27.84
CA GLY A 139 14.61 0.23 -27.82
C GLY A 139 14.84 -1.28 -27.91
N ARG A 140 16.10 -1.69 -27.95
CA ARG A 140 16.44 -3.10 -28.04
C ARG A 140 15.99 -3.89 -26.82
N PRO B 51 4.01 -10.23 8.98
CA PRO B 51 3.93 -8.87 9.57
C PRO B 51 2.51 -8.33 9.51
N LEU B 52 2.19 -7.48 10.47
CA LEU B 52 0.85 -6.93 10.59
C LEU B 52 0.82 -5.43 10.39
N THR B 53 -0.22 -4.97 9.71
CA THR B 53 -0.37 -3.54 9.51
C THR B 53 -1.74 -3.11 9.98
N LEU B 54 -1.75 -2.17 10.91
CA LEU B 54 -2.99 -1.63 11.42
C LEU B 54 -3.23 -0.31 10.71
N VAL B 55 -4.35 -0.20 9.99
CA VAL B 55 -4.65 1.04 9.31
C VAL B 55 -5.68 1.79 10.12
N ASP B 56 -5.28 2.98 10.57
CA ASP B 56 -6.10 3.85 11.39
C ASP B 56 -6.81 4.88 10.49
N PHE B 57 -8.09 4.62 10.21
CA PHE B 57 -8.91 5.52 9.39
C PHE B 57 -9.42 6.56 10.38
N PHE B 58 -9.08 7.82 10.16
CA PHE B 58 -9.45 8.88 11.09
C PHE B 58 -9.77 10.16 10.34
N ALA B 59 -10.07 11.22 11.08
CA ALA B 59 -10.29 12.55 10.51
C ALA B 59 -9.81 13.53 11.57
N PRO B 60 -9.27 14.69 11.16
CA PRO B 60 -8.78 15.67 12.12
C PRO B 60 -9.89 16.19 13.05
N TRP B 61 -11.12 16.23 12.55
CA TRP B 61 -12.25 16.72 13.32
C TRP B 61 -12.93 15.66 14.16
N CYS B 62 -12.29 14.52 14.29
CA CYS B 62 -12.86 13.42 15.05
C CYS B 62 -12.28 13.38 16.47
N GLY B 63 -13.13 13.61 17.47
CA GLY B 63 -12.68 13.63 18.85
C GLY B 63 -12.04 12.34 19.34
N PRO B 64 -12.76 11.21 19.25
CA PRO B 64 -12.22 9.93 19.69
C PRO B 64 -10.91 9.53 18.97
N CYS B 65 -10.78 9.90 17.70
CA CYS B 65 -9.58 9.60 16.93
C CYS B 65 -8.30 10.06 17.59
N ARG B 66 -8.39 11.28 18.15
CA ARG B 66 -7.26 11.90 18.83
C ARG B 66 -6.63 11.10 19.95
N LEU B 67 -7.41 10.35 20.70
CA LEU B 67 -6.81 9.58 21.81
C LEU B 67 -6.41 8.22 21.28
N VAL B 68 -7.19 7.73 20.32
CA VAL B 68 -6.89 6.43 19.76
C VAL B 68 -5.52 6.45 19.09
N SER B 69 -5.24 7.48 18.30
CA SER B 69 -3.98 7.48 17.56
C SER B 69 -2.66 7.25 18.35
N PRO B 70 -2.45 7.91 19.50
CA PRO B 70 -1.20 7.67 20.23
C PRO B 70 -1.20 6.26 20.86
N ILE B 71 -2.38 5.76 21.20
CA ILE B 71 -2.51 4.42 21.77
C ILE B 71 -1.99 3.44 20.72
N LEU B 72 -2.38 3.65 19.46
CA LEU B 72 -1.94 2.76 18.38
C LEU B 72 -0.44 2.88 18.21
N GLU B 73 0.08 4.10 18.35
CA GLU B 73 1.51 4.34 18.21
C GLU B 73 2.27 3.57 19.27
N GLU B 74 1.75 3.56 20.48
CA GLU B 74 2.39 2.84 21.56
C GLU B 74 2.41 1.32 21.30
N LEU B 75 1.30 0.77 20.81
CA LEU B 75 1.22 -0.66 20.51
C LEU B 75 2.28 -1.05 19.50
N ALA B 76 2.49 -0.20 18.49
CA ALA B 76 3.48 -0.48 17.47
C ALA B 76 4.86 -0.48 18.10
N ARG B 77 5.14 0.52 18.92
CA ARG B 77 6.42 0.59 19.58
C ARG B 77 6.61 -0.62 20.49
N ASP B 78 5.50 -1.10 21.03
CA ASP B 78 5.57 -2.22 21.96
C ASP B 78 5.76 -3.56 21.29
N HIS B 79 5.53 -3.60 19.99
CA HIS B 79 5.65 -4.81 19.18
C HIS B 79 6.35 -4.44 17.89
N ALA B 80 7.47 -3.74 18.01
CA ALA B 80 8.22 -3.31 16.84
C ALA B 80 8.69 -4.48 15.98
N GLY B 81 8.63 -4.29 14.65
CA GLY B 81 9.08 -5.32 13.72
C GLY B 81 8.03 -6.38 13.52
N ARG B 82 6.97 -6.26 14.30
CA ARG B 82 5.87 -7.20 14.23
C ARG B 82 4.60 -6.50 13.82
N LEU B 83 4.46 -5.25 14.25
CA LEU B 83 3.26 -4.52 13.94
C LEU B 83 3.55 -3.09 13.54
N LYS B 84 2.97 -2.63 12.44
CA LYS B 84 3.17 -1.24 12.08
C LYS B 84 1.81 -0.59 11.92
N VAL B 85 1.78 0.72 12.09
CA VAL B 85 0.54 1.46 11.98
C VAL B 85 0.63 2.50 10.86
N VAL B 86 -0.44 2.61 10.07
CA VAL B 86 -0.52 3.59 8.96
C VAL B 86 -1.80 4.37 9.19
N LYS B 87 -1.73 5.70 9.10
CA LYS B 87 -2.93 6.51 9.31
C LYS B 87 -3.52 6.91 7.96
N VAL B 88 -4.84 6.85 7.84
CA VAL B 88 -5.48 7.27 6.61
C VAL B 88 -6.62 8.24 6.92
N ASN B 89 -6.50 9.46 6.39
CA ASN B 89 -7.51 10.51 6.59
C ASN B 89 -8.68 10.23 5.64
N VAL B 90 -9.85 9.92 6.19
CA VAL B 90 -10.98 9.64 5.32
C VAL B 90 -11.38 10.86 4.48
N ASP B 91 -11.07 12.07 4.96
CA ASP B 91 -11.39 13.29 4.20
C ASP B 91 -10.58 13.28 2.89
N GLU B 92 -9.33 12.85 2.99
CA GLU B 92 -8.42 12.77 1.85
C GLU B 92 -8.62 11.54 0.99
N HIS B 93 -9.09 10.45 1.58
CA HIS B 93 -9.23 9.22 0.83
C HIS B 93 -10.61 8.54 0.91
N PRO B 94 -11.64 9.17 0.32
CA PRO B 94 -12.97 8.57 0.37
C PRO B 94 -13.05 7.22 -0.34
N GLY B 95 -12.26 7.04 -1.39
CA GLY B 95 -12.26 5.77 -2.11
C GLY B 95 -11.77 4.63 -1.23
N LEU B 96 -10.65 4.83 -0.55
CA LEU B 96 -10.10 3.80 0.34
C LEU B 96 -11.11 3.54 1.44
N ALA B 97 -11.67 4.61 1.98
CA ALA B 97 -12.65 4.46 3.04
C ALA B 97 -13.82 3.59 2.57
N ALA B 98 -14.35 3.87 1.39
CA ALA B 98 -15.48 3.07 0.89
C ALA B 98 -15.08 1.64 0.61
N ARG B 99 -13.86 1.43 0.18
CA ARG B 99 -13.41 0.07 -0.10
C ARG B 99 -13.45 -0.83 1.12
N TYR B 100 -13.21 -0.24 2.28
CA TYR B 100 -13.21 -1.02 3.51
C TYR B 100 -14.45 -0.81 4.37
N GLY B 101 -15.49 -0.24 3.77
CA GLY B 101 -16.76 0.00 4.45
C GLY B 101 -16.73 0.99 5.59
N VAL B 102 -15.79 1.91 5.54
CA VAL B 102 -15.64 2.90 6.58
C VAL B 102 -16.63 4.06 6.52
N ARG B 103 -17.66 3.97 7.35
CA ARG B 103 -18.67 5.02 7.39
C ARG B 103 -18.61 5.84 8.68
N SER B 104 -17.65 5.53 9.54
CA SER B 104 -17.47 6.29 10.78
C SER B 104 -16.03 6.13 11.24
N VAL B 105 -15.54 7.13 11.96
CA VAL B 105 -14.18 7.11 12.46
C VAL B 105 -14.18 7.32 13.97
N PRO B 106 -13.20 6.75 14.68
CA PRO B 106 -12.10 5.98 14.10
C PRO B 106 -12.55 4.54 13.74
N THR B 107 -11.93 3.96 12.72
CA THR B 107 -12.19 2.57 12.34
C THR B 107 -10.80 2.00 12.11
N LEU B 108 -10.55 0.82 12.65
CA LEU B 108 -9.23 0.19 12.52
C LEU B 108 -9.30 -1.04 11.65
N VAL B 109 -8.45 -1.13 10.65
CA VAL B 109 -8.46 -2.30 9.80
C VAL B 109 -7.10 -2.97 9.89
N LEU B 110 -7.09 -4.26 10.28
CA LEU B 110 -5.87 -5.04 10.41
C LEU B 110 -5.62 -5.87 9.16
N PHE B 111 -4.40 -5.78 8.64
CA PHE B 111 -3.98 -6.54 7.46
C PHE B 111 -2.90 -7.50 7.93
N ARG B 112 -2.87 -8.68 7.33
CA ARG B 112 -1.88 -9.69 7.65
C ARG B 112 -1.24 -10.00 6.33
N ARG B 113 0.03 -9.65 6.20
CA ARG B 113 0.74 -9.87 4.94
C ARG B 113 0.02 -9.14 3.84
N GLY B 114 -0.41 -7.92 4.13
CA GLY B 114 -1.07 -7.13 3.11
C GLY B 114 -2.50 -7.46 2.74
N ALA B 115 -3.14 -8.38 3.46
CA ALA B 115 -4.52 -8.75 3.18
C ALA B 115 -5.36 -8.43 4.42
N PRO B 116 -6.53 -7.80 4.25
CA PRO B 116 -7.38 -7.46 5.40
C PRO B 116 -7.92 -8.70 6.11
N VAL B 117 -7.80 -8.74 7.43
CA VAL B 117 -8.31 -9.90 8.18
C VAL B 117 -9.35 -9.51 9.23
N ALA B 118 -9.29 -8.28 9.73
CA ALA B 118 -10.26 -7.83 10.73
C ALA B 118 -10.48 -6.33 10.71
N THR B 119 -11.66 -5.91 11.17
CA THR B 119 -11.98 -4.48 11.25
C THR B 119 -12.68 -4.25 12.59
N TRP B 120 -12.32 -3.19 13.29
CA TRP B 120 -12.98 -2.83 14.56
C TRP B 120 -13.41 -1.39 14.41
N VAL B 121 -14.69 -1.13 14.65
CA VAL B 121 -15.25 0.21 14.50
C VAL B 121 -15.36 0.92 15.83
N GLY B 122 -14.85 2.15 15.90
CA GLY B 122 -14.93 2.92 17.12
C GLY B 122 -13.73 2.84 18.05
N ALA B 123 -13.57 3.85 18.89
CA ALA B 123 -12.47 3.87 19.84
C ALA B 123 -12.66 2.79 20.89
N SER B 124 -11.56 2.21 21.34
CA SER B 124 -11.59 1.17 22.37
C SER B 124 -10.39 1.36 23.28
N PRO B 125 -10.56 1.05 24.58
CA PRO B 125 -9.44 1.19 25.52
C PRO B 125 -8.26 0.39 25.00
N ARG B 126 -7.07 0.73 25.46
CA ARG B 126 -5.85 0.03 25.06
C ARG B 126 -5.85 -1.47 25.38
N ARG B 127 -6.35 -1.86 26.54
CA ARG B 127 -6.31 -3.28 26.88
C ARG B 127 -7.21 -4.11 25.98
N VAL B 128 -8.36 -3.55 25.62
CA VAL B 128 -9.27 -4.25 24.74
C VAL B 128 -8.55 -4.49 23.41
N LEU B 129 -7.88 -3.48 22.89
CA LEU B 129 -7.12 -3.60 21.64
C LEU B 129 -6.05 -4.66 21.70
N GLU B 130 -5.34 -4.67 22.82
CA GLU B 130 -4.27 -5.62 23.05
C GLU B 130 -4.78 -7.03 22.89
N GLU B 131 -5.93 -7.30 23.51
CA GLU B 131 -6.54 -8.62 23.46
C GLU B 131 -6.98 -8.99 22.06
N ARG B 132 -7.47 -8.01 21.32
CA ARG B 132 -7.93 -8.25 19.96
C ARG B 132 -6.74 -8.59 19.07
N LEU B 133 -5.62 -7.91 19.29
CA LEU B 133 -4.44 -8.12 18.46
C LEU B 133 -3.60 -9.36 18.76
N ARG B 134 -3.58 -9.77 20.01
CA ARG B 134 -2.76 -10.91 20.41
C ARG B 134 -2.84 -12.16 19.53
N PRO B 135 -4.04 -12.74 19.36
CA PRO B 135 -4.11 -13.96 18.53
C PRO B 135 -3.42 -13.73 17.18
N TYR B 136 -3.51 -12.53 16.64
CA TYR B 136 -2.88 -12.26 15.35
C TYR B 136 -1.37 -12.19 15.52
N LEU B 137 -0.94 -11.59 16.62
CA LEU B 137 0.47 -11.46 16.92
C LEU B 137 1.11 -12.83 17.19
N GLU B 138 0.33 -13.72 17.81
CA GLU B 138 0.78 -15.08 18.19
C GLU B 138 0.40 -16.17 17.22
N GLY B 139 -0.02 -15.82 16.01
CA GLY B 139 -0.40 -16.87 15.08
C GLY B 139 -0.28 -16.49 13.62
#